data_6RPQ
#
_entry.id   6RPQ
#
_cell.length_a   100.920
_cell.length_b   100.920
_cell.length_c   91.720
_cell.angle_alpha   90.00
_cell.angle_beta   90.00
_cell.angle_gamma   90.00
#
_symmetry.space_group_name_H-M   'I 41'
#
_entity_poly.entity_id   1
_entity_poly.type   'polypeptide(L)'
_entity_poly.pdbx_seq_one_letter_code
;GSSHHHHHHSTSDSEVNQEAKPEVKPEVKPETHINLKVSDGSSEIFFKIKKTTPLRRLMEAFAKRQGKEMDSLRFLYDGI
RIQADQTPEDLDMEDNDIIETHREQIGGSGKAVDYDTEVLLGDGRKRKIGEIVEEAIKKAEKEGKLGRVDDGFYAPINLE
LYALDVRTLKVRKVKADIAWKRTTPEKMLRIRTKRGREIRVTPTHPFFTLEEGRIKTKKAYELKVGEKIATPREEAPEAE
IFWDEVVEIEEYKPNNSWVYDLQVPEHHNFIANGIFVHN
;
_entity_poly.pdbx_strand_id   A
#
# COMPACT_ATOMS: atom_id res chain seq x y z
N GLU A 31 -17.26 37.85 2.66
CA GLU A 31 -16.19 37.24 3.42
C GLU A 31 -15.00 36.90 2.53
N THR A 32 -13.80 37.24 2.96
CA THR A 32 -12.60 36.96 2.18
C THR A 32 -11.70 35.88 2.78
N HIS A 33 -11.55 35.79 4.10
CA HIS A 33 -10.62 34.80 4.66
C HIS A 33 -11.35 33.52 5.07
N ILE A 34 -10.63 32.40 4.93
CA ILE A 34 -11.18 31.05 4.86
C ILE A 34 -10.44 30.15 5.85
N ASN A 35 -11.19 29.37 6.65
CA ASN A 35 -10.54 28.50 7.63
C ASN A 35 -10.74 27.02 7.30
N LEU A 36 -9.64 26.37 6.93
CA LEU A 36 -9.59 24.96 6.61
C LEU A 36 -9.14 24.16 7.82
N LYS A 37 -9.52 22.89 7.78
CA LYS A 37 -9.14 21.89 8.77
C LYS A 37 -8.15 20.94 8.13
N VAL A 38 -6.94 20.86 8.68
CA VAL A 38 -5.87 20.04 8.14
C VAL A 38 -5.75 18.79 9.00
N SER A 39 -5.87 17.61 8.39
CA SER A 39 -6.00 16.38 9.15
C SER A 39 -5.14 15.27 8.56
N ASP A 40 -4.44 14.53 9.43
CA ASP A 40 -3.79 13.27 9.05
C ASP A 40 -4.65 12.07 9.42
N GLY A 41 -5.97 12.23 9.43
CA GLY A 41 -6.84 11.21 9.97
C GLY A 41 -6.98 11.37 11.47
N SER A 42 -5.88 11.22 12.19
CA SER A 42 -5.85 11.47 13.62
C SER A 42 -5.81 12.96 13.92
N SER A 43 -4.66 13.56 13.61
CA SER A 43 -4.36 14.93 14.00
C SER A 43 -5.10 15.92 13.11
N GLU A 44 -5.82 16.85 13.74
CA GLU A 44 -6.62 17.84 13.04
C GLU A 44 -6.35 19.21 13.65
N ILE A 45 -5.89 20.15 12.81
CA ILE A 45 -5.57 21.51 13.23
C ILE A 45 -6.30 22.49 12.33
N PHE A 46 -6.89 23.52 12.93
CA PHE A 46 -7.70 24.48 12.19
C PHE A 46 -6.91 25.75 11.93
N PHE A 47 -6.74 26.09 10.66
CA PHE A 47 -6.08 27.32 10.24
C PHE A 47 -7.08 28.20 9.51
N LYS A 48 -7.04 29.51 9.76
CA LYS A 48 -7.81 30.44 8.94
C LYS A 48 -6.85 31.44 8.30
N ILE A 49 -6.89 31.50 6.97
CA ILE A 49 -5.98 32.30 6.16
C ILE A 49 -6.85 32.95 5.08
N LYS A 50 -6.35 34.02 4.46
CA LYS A 50 -7.15 34.67 3.44
C LYS A 50 -6.86 34.05 2.07
N LYS A 51 -7.85 34.15 1.17
CA LYS A 51 -7.88 33.35 -0.04
C LYS A 51 -6.73 33.63 -0.99
N THR A 52 -6.07 34.78 -0.87
CA THR A 52 -4.93 35.08 -1.73
C THR A 52 -3.62 34.53 -1.17
N THR A 53 -3.58 34.16 0.10
CA THR A 53 -2.36 33.64 0.69
C THR A 53 -1.94 32.36 -0.02
N PRO A 54 -0.66 32.18 -0.29
CA PRO A 54 -0.17 30.84 -0.61
C PRO A 54 -0.24 29.97 0.63
N LEU A 55 -0.45 28.68 0.42
CA LEU A 55 -0.56 27.75 1.53
C LEU A 55 0.79 27.17 1.96
N ARG A 56 1.89 27.75 1.47
CA ARG A 56 3.22 27.28 1.86
C ARG A 56 3.35 27.18 3.37
N ARG A 57 3.01 28.24 4.09
CA ARG A 57 3.25 28.24 5.52
C ARG A 57 2.11 27.59 6.32
N LEU A 58 0.91 27.47 5.78
CA LEU A 58 -0.09 26.65 6.45
C LEU A 58 0.45 25.24 6.65
N MET A 59 0.96 24.63 5.58
CA MET A 59 1.47 23.27 5.65
C MET A 59 2.83 23.21 6.34
N GLU A 60 3.67 24.24 6.20
CA GLU A 60 4.89 24.28 6.99
C GLU A 60 4.58 24.30 8.48
N ALA A 61 3.56 25.06 8.88
CA ALA A 61 3.16 25.14 10.28
C ALA A 61 2.59 23.80 10.75
N PHE A 62 1.70 23.20 9.96
CA PHE A 62 1.16 21.89 10.33
C PHE A 62 2.28 20.87 10.48
N ALA A 63 3.21 20.86 9.52
CA ALA A 63 4.33 19.94 9.58
C ALA A 63 5.11 20.11 10.87
N LYS A 64 5.44 21.36 11.23
CA LYS A 64 6.20 21.55 12.46
C LYS A 64 5.38 21.17 13.68
N ARG A 65 4.07 21.40 13.66
CA ARG A 65 3.22 20.95 14.77
C ARG A 65 3.27 19.44 14.91
N GLN A 66 3.40 18.72 13.79
CA GLN A 66 3.51 17.26 13.81
C GLN A 66 4.92 16.79 14.15
N GLY A 67 5.89 17.70 14.25
CA GLY A 67 7.24 17.31 14.60
C GLY A 67 8.10 16.86 13.44
N LYS A 68 7.73 17.21 12.21
CA LYS A 68 8.49 16.80 11.05
C LYS A 68 8.49 17.94 10.04
N GLU A 69 9.44 17.89 9.12
CA GLU A 69 9.58 18.96 8.13
C GLU A 69 8.70 18.68 6.91
N MET A 70 8.48 19.74 6.14
CA MET A 70 7.28 19.86 5.31
C MET A 70 7.14 18.72 4.29
N ASP A 71 8.23 18.22 3.73
CA ASP A 71 8.12 17.28 2.62
C ASP A 71 8.14 15.82 3.05
N SER A 72 8.10 15.54 4.34
CA SER A 72 7.78 14.19 4.80
C SER A 72 6.28 13.98 4.89
N LEU A 73 5.50 14.98 4.47
CA LEU A 73 4.05 14.92 4.49
C LEU A 73 3.53 15.16 3.07
N ARG A 74 2.25 14.82 2.88
CA ARG A 74 1.54 14.99 1.63
C ARG A 74 0.23 15.68 1.94
N PHE A 75 -0.03 16.80 1.29
CA PHE A 75 -1.27 17.54 1.50
C PHE A 75 -2.13 17.41 0.26
N LEU A 76 -3.39 17.02 0.46
CA LEU A 76 -4.30 16.64 -0.60
C LEU A 76 -5.63 17.35 -0.40
N TYR A 77 -6.14 17.98 -1.45
CA TYR A 77 -7.48 18.56 -1.48
C TYR A 77 -8.30 17.81 -2.51
N ASP A 78 -9.44 17.26 -2.09
CA ASP A 78 -10.17 16.28 -2.90
C ASP A 78 -9.21 15.18 -3.33
N GLY A 79 -8.99 15.05 -4.63
CA GLY A 79 -8.09 14.05 -5.15
C GLY A 79 -6.65 14.49 -5.26
N ILE A 80 -6.39 15.59 -5.98
CA ILE A 80 -5.03 15.91 -6.40
C ILE A 80 -4.22 16.50 -5.24
N ARG A 81 -2.91 16.26 -5.28
CA ARG A 81 -1.97 16.77 -4.30
C ARG A 81 -1.68 18.24 -4.56
N ILE A 82 -1.74 19.04 -3.48
CA ILE A 82 -1.38 20.46 -3.59
C ILE A 82 0.12 20.59 -3.81
N GLN A 83 0.52 21.77 -4.27
CA GLN A 83 1.91 22.20 -4.22
C GLN A 83 1.98 23.50 -3.44
N ALA A 84 3.16 23.76 -2.85
CA ALA A 84 3.28 24.77 -1.80
C ALA A 84 2.72 26.13 -2.24
N ASP A 85 3.05 26.56 -3.46
CA ASP A 85 2.66 27.90 -3.92
C ASP A 85 1.31 27.83 -4.64
N GLN A 86 0.28 27.51 -3.86
CA GLN A 86 -1.10 27.62 -4.30
C GLN A 86 -1.91 28.30 -3.20
N THR A 87 -3.08 28.81 -3.58
CA THR A 87 -3.96 29.56 -2.71
C THR A 87 -5.34 28.92 -2.67
N PRO A 88 -6.23 29.40 -1.82
CA PRO A 88 -7.59 28.81 -1.80
C PRO A 88 -8.38 29.00 -3.08
N GLU A 89 -8.44 30.21 -3.65
CA GLU A 89 -9.38 30.45 -4.75
C GLU A 89 -8.98 29.69 -6.00
N ASP A 90 -7.68 29.58 -6.28
CA ASP A 90 -7.26 28.87 -7.48
C ASP A 90 -7.54 27.37 -7.40
N LEU A 91 -7.82 26.84 -6.21
CA LEU A 91 -8.28 25.47 -6.05
C LEU A 91 -9.75 25.38 -5.66
N ASP A 92 -10.50 26.48 -5.79
CA ASP A 92 -11.94 26.51 -5.50
C ASP A 92 -12.23 25.95 -4.11
N MET A 93 -11.94 26.77 -3.11
CA MET A 93 -12.08 26.33 -1.74
C MET A 93 -13.43 26.76 -1.16
N GLU A 94 -13.82 26.05 -0.11
CA GLU A 94 -14.94 26.45 0.73
C GLU A 94 -14.45 26.39 2.17
N ASP A 95 -15.34 26.67 3.12
CA ASP A 95 -14.93 26.64 4.52
C ASP A 95 -15.56 25.47 5.25
N ASN A 96 -14.81 24.97 6.23
CA ASN A 96 -14.89 23.61 6.77
C ASN A 96 -14.35 22.59 5.75
N ASP A 97 -13.76 23.07 4.67
CA ASP A 97 -13.03 22.22 3.75
C ASP A 97 -11.81 21.66 4.44
N ILE A 98 -11.40 20.47 4.02
CA ILE A 98 -10.36 19.71 4.70
C ILE A 98 -9.20 19.46 3.75
N ILE A 99 -7.99 19.52 4.29
CA ILE A 99 -6.77 19.16 3.57
C ILE A 99 -6.21 17.92 4.24
N GLU A 100 -6.34 16.77 3.57
CA GLU A 100 -5.89 15.51 4.15
C GLU A 100 -4.38 15.37 3.97
N THR A 101 -3.69 15.04 5.05
CA THR A 101 -2.25 14.86 5.00
C THR A 101 -1.89 13.39 5.22
N HIS A 102 -0.91 12.93 4.47
CA HIS A 102 -0.44 11.55 4.50
C HIS A 102 1.06 11.54 4.75
N ARG A 103 1.50 10.65 5.62
CA ARG A 103 2.90 10.63 6.03
C ARG A 103 3.72 9.83 5.02
N GLU A 104 4.86 10.40 4.60
CA GLU A 104 5.82 9.65 3.82
C GLU A 104 6.60 8.72 4.74
N GLN A 105 6.63 7.44 4.39
CA GLN A 105 7.20 6.43 5.28
C GLN A 105 8.71 6.58 5.36
N ILE A 106 9.21 6.74 6.59
CA ILE A 106 10.65 6.76 6.88
C ILE A 106 10.92 5.58 7.79
N GLY A 107 11.58 4.56 7.24
CA GLY A 107 11.75 3.29 7.92
C GLY A 107 10.99 2.14 7.30
N GLY A 108 10.52 2.27 6.05
CA GLY A 108 9.73 1.25 5.40
C GLY A 108 8.49 0.89 6.19
N SER A 109 8.56 -0.23 6.90
CA SER A 109 7.59 -0.59 7.93
C SER A 109 6.15 -0.69 7.42
N GLY A 110 5.94 -0.52 6.12
CA GLY A 110 4.61 -0.55 5.57
C GLY A 110 4.44 -1.64 4.53
N LYS A 111 4.19 -2.86 4.96
CA LYS A 111 4.07 -4.00 4.06
C LYS A 111 2.99 -3.75 3.01
N ALA A 112 3.40 -3.77 1.74
CA ALA A 112 2.51 -3.52 0.61
C ALA A 112 3.24 -3.84 -0.69
N VAL A 113 2.56 -3.73 -1.83
CA VAL A 113 3.12 -4.09 -3.13
C VAL A 113 2.73 -3.06 -4.16
N ASP A 114 3.32 -3.18 -5.36
CA ASP A 114 3.11 -2.25 -6.44
C ASP A 114 1.71 -2.41 -7.04
N TYR A 115 1.18 -1.29 -7.54
CA TYR A 115 -0.17 -1.25 -8.11
C TYR A 115 -0.42 -2.38 -9.10
N ASP A 116 0.55 -2.64 -9.98
CA ASP A 116 0.35 -3.55 -11.09
C ASP A 116 0.50 -5.02 -10.73
N THR A 117 0.85 -5.32 -9.47
CA THR A 117 0.91 -6.71 -9.02
C THR A 117 -0.40 -7.42 -9.31
N GLU A 118 -0.32 -8.53 -10.03
CA GLU A 118 -1.51 -9.25 -10.48
C GLU A 118 -1.91 -10.26 -9.43
N VAL A 119 -2.98 -9.97 -8.70
CA VAL A 119 -3.57 -10.89 -7.74
C VAL A 119 -4.36 -11.94 -8.50
N LEU A 120 -4.24 -13.19 -8.06
CA LEU A 120 -4.95 -14.32 -8.66
C LEU A 120 -6.27 -14.52 -7.92
N LEU A 121 -7.37 -14.24 -8.60
CA LEU A 121 -8.69 -14.30 -7.97
C LEU A 121 -9.14 -15.74 -7.79
N GLY A 122 -10.16 -15.93 -6.95
CA GLY A 122 -10.66 -17.25 -6.64
C GLY A 122 -11.35 -17.95 -7.81
N ASP A 123 -11.70 -17.20 -8.85
CA ASP A 123 -12.32 -17.79 -10.03
C ASP A 123 -11.32 -18.12 -11.13
N GLY A 124 -10.04 -17.88 -10.90
CA GLY A 124 -8.99 -18.17 -11.86
C GLY A 124 -8.39 -16.93 -12.52
N ARG A 125 -9.14 -15.83 -12.56
CA ARG A 125 -8.67 -14.66 -13.26
C ARG A 125 -7.62 -13.91 -12.45
N LYS A 126 -6.91 -13.01 -13.13
CA LYS A 126 -5.93 -12.15 -12.50
C LYS A 126 -6.36 -10.70 -12.65
N ARG A 127 -6.11 -9.92 -11.60
CA ARG A 127 -6.48 -8.51 -11.58
C ARG A 127 -5.44 -7.76 -10.77
N LYS A 128 -5.04 -6.58 -11.25
CA LYS A 128 -4.03 -5.82 -10.53
C LYS A 128 -4.59 -5.34 -9.21
N ILE A 129 -3.78 -5.48 -8.16
CA ILE A 129 -4.23 -5.20 -6.80
C ILE A 129 -4.59 -3.73 -6.63
N GLY A 130 -3.96 -2.85 -7.40
CA GLY A 130 -4.30 -1.43 -7.32
C GLY A 130 -5.72 -1.16 -7.76
N GLU A 131 -6.16 -1.79 -8.85
CA GLU A 131 -7.55 -1.65 -9.29
C GLU A 131 -8.51 -2.15 -8.22
N ILE A 132 -8.22 -3.36 -7.69
CA ILE A 132 -9.03 -3.94 -6.62
C ILE A 132 -9.19 -2.95 -5.47
N VAL A 133 -8.06 -2.40 -5.00
CA VAL A 133 -8.10 -1.58 -3.79
C VAL A 133 -8.78 -0.25 -4.07
N GLU A 134 -8.51 0.37 -5.23
CA GLU A 134 -9.15 1.65 -5.53
C GLU A 134 -10.66 1.49 -5.69
N GLU A 135 -11.08 0.39 -6.33
CA GLU A 135 -12.50 0.09 -6.44
C GLU A 135 -13.13 -0.07 -5.06
N ALA A 136 -12.49 -0.86 -4.19
CA ALA A 136 -12.98 -1.02 -2.82
C ALA A 136 -13.04 0.31 -2.10
N ILE A 137 -12.08 1.20 -2.38
CA ILE A 137 -12.01 2.46 -1.65
C ILE A 137 -13.13 3.40 -2.07
N LYS A 138 -13.41 3.50 -3.37
CA LYS A 138 -14.52 4.37 -3.76
C LYS A 138 -15.87 3.76 -3.40
N LYS A 139 -15.98 2.43 -3.35
CA LYS A 139 -17.23 1.85 -2.88
C LYS A 139 -17.41 2.09 -1.38
N ALA A 140 -16.33 2.04 -0.61
CA ALA A 140 -16.42 2.35 0.81
C ALA A 140 -16.69 3.83 1.04
N GLU A 141 -16.20 4.69 0.12
CA GLU A 141 -16.39 6.13 0.25
C GLU A 141 -17.81 6.54 -0.12
N LYS A 142 -18.36 5.93 -1.16
CA LYS A 142 -19.76 6.14 -1.48
C LYS A 142 -20.66 5.66 -0.35
N GLU A 143 -20.28 4.58 0.31
CA GLU A 143 -20.89 4.21 1.58
C GLU A 143 -20.17 4.98 2.69
N GLY A 144 -20.29 4.55 3.94
CA GLY A 144 -19.71 5.32 5.03
C GLY A 144 -18.64 4.61 5.83
N LYS A 145 -17.82 3.78 5.18
CA LYS A 145 -16.89 2.94 5.93
C LYS A 145 -15.48 2.96 5.33
N LEU A 146 -15.09 4.03 4.66
CA LEU A 146 -13.69 4.19 4.29
C LEU A 146 -12.87 4.50 5.54
N GLY A 147 -11.86 3.68 5.80
CA GLY A 147 -10.98 3.87 6.94
C GLY A 147 -9.76 4.67 6.55
N ARG A 148 -9.30 5.52 7.46
CA ARG A 148 -8.21 6.45 7.21
C ARG A 148 -7.14 6.27 8.27
N VAL A 149 -5.89 6.14 7.85
CA VAL A 149 -4.73 6.17 8.72
C VAL A 149 -3.75 7.20 8.17
N ASP A 150 -2.77 7.56 9.01
CA ASP A 150 -1.92 8.72 8.70
C ASP A 150 -1.20 8.56 7.37
N ASP A 151 -0.87 7.33 6.98
CA ASP A 151 -0.13 7.07 5.75
C ASP A 151 -1.02 6.50 4.65
N GLY A 152 -2.34 6.57 4.79
CA GLY A 152 -3.23 6.17 3.73
C GLY A 152 -4.63 5.78 4.13
N PHE A 153 -5.17 4.78 3.46
CA PHE A 153 -6.55 4.36 3.65
C PHE A 153 -6.63 2.85 3.68
N TYR A 154 -7.74 2.37 4.22
CA TYR A 154 -8.16 0.98 4.12
C TYR A 154 -9.65 0.95 3.85
N ALA A 155 -10.12 -0.18 3.33
CA ALA A 155 -11.51 -0.30 2.94
C ALA A 155 -11.99 -1.73 3.12
N PRO A 156 -13.20 -1.93 3.61
CA PRO A 156 -13.73 -3.31 3.71
C PRO A 156 -13.87 -3.92 2.32
N ILE A 157 -13.49 -5.19 2.22
CA ILE A 157 -13.59 -5.96 0.99
C ILE A 157 -13.97 -7.38 1.36
N ASN A 158 -14.48 -8.13 0.38
CA ASN A 158 -14.79 -9.55 0.59
C ASN A 158 -14.39 -10.27 -0.70
N LEU A 159 -13.09 -10.50 -0.87
CA LEU A 159 -12.55 -10.98 -2.12
C LEU A 159 -12.05 -12.41 -1.97
N GLU A 160 -12.46 -13.29 -2.88
CA GLU A 160 -11.97 -14.66 -2.89
C GLU A 160 -10.67 -14.72 -3.68
N LEU A 161 -9.58 -15.06 -2.99
CA LEU A 161 -8.26 -15.19 -3.58
C LEU A 161 -7.81 -16.64 -3.53
N TYR A 162 -6.74 -16.92 -4.29
CA TYR A 162 -5.99 -18.16 -4.14
C TYR A 162 -4.76 -17.86 -3.30
N ALA A 163 -4.51 -18.69 -2.28
CA ALA A 163 -3.40 -18.48 -1.37
C ALA A 163 -2.80 -19.83 -1.00
N LEU A 164 -1.77 -19.78 -0.18
CA LEU A 164 -1.12 -20.99 0.32
C LEU A 164 -1.73 -21.39 1.65
N ASP A 165 -2.20 -22.63 1.73
CA ASP A 165 -2.70 -23.18 2.98
C ASP A 165 -1.52 -23.42 3.92
N VAL A 166 -1.46 -22.66 5.02
CA VAL A 166 -0.29 -22.69 5.89
C VAL A 166 -0.11 -24.01 6.63
N ARG A 167 -1.10 -24.90 6.59
CA ARG A 167 -0.98 -26.24 7.18
C ARG A 167 -1.04 -27.36 6.14
N THR A 168 -1.81 -27.18 5.07
CA THR A 168 -1.80 -28.16 3.99
C THR A 168 -0.58 -28.00 3.10
N LEU A 169 -0.06 -26.77 3.00
CA LEU A 169 1.06 -26.43 2.11
C LEU A 169 0.71 -26.68 0.65
N LYS A 170 -0.57 -26.46 0.31
CA LYS A 170 -1.05 -26.53 -1.05
C LYS A 170 -1.93 -25.31 -1.32
N VAL A 171 -2.19 -25.06 -2.60
CA VAL A 171 -2.99 -23.89 -2.97
C VAL A 171 -4.44 -24.11 -2.57
N ARG A 172 -5.04 -23.08 -1.98
CA ARG A 172 -6.42 -23.12 -1.53
C ARG A 172 -7.09 -21.79 -1.85
N LYS A 173 -8.40 -21.74 -1.64
CA LYS A 173 -9.13 -20.48 -1.69
C LYS A 173 -9.19 -19.87 -0.29
N VAL A 174 -9.07 -18.54 -0.25
CA VAL A 174 -9.18 -17.75 0.97
C VAL A 174 -10.00 -16.52 0.66
N LYS A 175 -10.29 -15.73 1.68
CA LYS A 175 -11.00 -14.47 1.49
C LYS A 175 -10.24 -13.34 2.18
N ALA A 176 -10.07 -12.25 1.46
CA ALA A 176 -9.53 -11.01 1.99
C ALA A 176 -10.67 -10.11 2.44
N ASP A 177 -10.49 -9.51 3.61
CA ASP A 177 -11.50 -8.65 4.22
C ASP A 177 -11.13 -7.17 4.25
N ILE A 178 -9.84 -6.83 4.10
CA ILE A 178 -9.37 -5.45 4.17
C ILE A 178 -8.49 -5.16 2.96
N ALA A 179 -8.81 -4.10 2.24
CA ALA A 179 -7.94 -3.57 1.19
C ALA A 179 -7.16 -2.38 1.74
N TRP A 180 -5.88 -2.28 1.39
CA TRP A 180 -4.96 -1.32 1.97
C TRP A 180 -4.29 -0.50 0.88
N LYS A 181 -4.22 0.81 1.09
CA LYS A 181 -3.55 1.74 0.19
C LYS A 181 -2.69 2.70 1.01
N ARG A 182 -1.38 2.63 0.83
CA ARG A 182 -0.44 3.34 1.69
C ARG A 182 0.55 4.13 0.85
N THR A 183 1.24 5.06 1.49
CA THR A 183 2.23 5.87 0.79
C THR A 183 3.44 5.03 0.43
N THR A 184 4.03 5.34 -0.72
CA THR A 184 5.20 4.60 -1.17
C THR A 184 6.38 4.88 -0.24
N PRO A 185 7.15 3.87 0.16
CA PRO A 185 8.36 4.12 0.94
C PRO A 185 9.43 4.76 0.06
N GLU A 186 10.51 5.19 0.72
CA GLU A 186 11.57 5.90 0.00
C GLU A 186 12.29 5.01 -0.99
N LYS A 187 12.37 3.71 -0.71
CA LYS A 187 12.92 2.75 -1.67
C LYS A 187 12.06 1.49 -1.62
N MET A 188 12.07 0.77 -2.73
CA MET A 188 11.34 -0.48 -2.84
C MET A 188 12.25 -1.53 -3.47
N LEU A 189 11.80 -2.78 -3.42
CA LEU A 189 12.59 -3.91 -3.91
C LEU A 189 11.82 -4.62 -5.01
N ARG A 190 12.48 -4.83 -6.15
CA ARG A 190 11.96 -5.66 -7.22
C ARG A 190 12.71 -6.99 -7.17
N ILE A 191 11.96 -8.08 -7.03
CA ILE A 191 12.51 -9.41 -6.90
C ILE A 191 12.12 -10.22 -8.12
N ARG A 192 13.09 -10.91 -8.71
CA ARG A 192 12.85 -11.77 -9.85
C ARG A 192 13.50 -13.13 -9.62
N THR A 193 12.79 -14.18 -10.00
CA THR A 193 13.17 -15.55 -9.71
C THR A 193 13.67 -16.25 -10.96
N LYS A 194 14.43 -17.34 -10.73
CA LYS A 194 14.98 -18.13 -11.82
C LYS A 194 13.87 -18.63 -12.74
N ARG A 195 12.72 -18.99 -12.17
CA ARG A 195 11.56 -19.38 -12.96
C ARG A 195 11.04 -18.24 -13.81
N GLY A 196 11.38 -16.99 -13.47
CA GLY A 196 10.90 -15.86 -14.23
C GLY A 196 9.76 -15.10 -13.60
N ARG A 197 9.46 -15.33 -12.31
CA ARG A 197 8.50 -14.51 -11.60
C ARG A 197 9.15 -13.24 -11.09
N GLU A 198 8.37 -12.17 -11.03
CA GLU A 198 8.87 -10.85 -10.66
C GLU A 198 7.78 -10.07 -9.94
N ILE A 199 8.16 -9.43 -8.82
CA ILE A 199 7.22 -8.63 -8.04
C ILE A 199 7.96 -7.43 -7.45
N ARG A 200 7.25 -6.31 -7.32
CA ARG A 200 7.78 -5.11 -6.69
C ARG A 200 7.05 -4.89 -5.38
N VAL A 201 7.79 -4.91 -4.28
CA VAL A 201 7.23 -4.86 -2.94
C VAL A 201 8.02 -3.89 -2.08
N THR A 202 7.40 -3.46 -0.99
CA THR A 202 8.11 -2.66 -0.02
C THR A 202 9.20 -3.51 0.63
N PRO A 203 10.27 -2.87 1.12
CA PRO A 203 11.40 -3.65 1.65
C PRO A 203 11.03 -4.59 2.80
N THR A 204 9.93 -4.35 3.50
CA THR A 204 9.56 -5.18 4.63
C THR A 204 8.62 -6.32 4.27
N HIS A 205 8.11 -6.37 3.05
CA HIS A 205 7.08 -7.35 2.70
C HIS A 205 7.64 -8.76 2.79
N PRO A 206 7.03 -9.65 3.57
CA PRO A 206 7.59 -10.99 3.75
C PRO A 206 7.15 -11.98 2.67
N PHE A 207 8.02 -12.96 2.46
CA PHE A 207 7.80 -14.10 1.58
C PHE A 207 8.04 -15.37 2.39
N PHE A 208 7.69 -16.51 1.79
CA PHE A 208 7.92 -17.80 2.41
C PHE A 208 9.29 -18.34 2.03
N THR A 209 10.08 -18.72 3.03
CA THR A 209 11.37 -19.38 2.85
C THR A 209 11.35 -20.73 3.54
N LEU A 210 12.40 -21.52 3.25
CA LEU A 210 12.53 -22.90 3.73
C LEU A 210 13.92 -23.08 4.31
N GLU A 211 14.02 -23.20 5.63
CA GLU A 211 15.27 -23.42 6.35
C GLU A 211 15.15 -24.69 7.16
N GLU A 212 15.93 -25.71 6.80
CA GLU A 212 16.04 -27.00 7.49
C GLU A 212 14.76 -27.84 7.43
N GLY A 213 13.83 -27.51 6.54
CA GLY A 213 12.51 -28.09 6.57
C GLY A 213 11.47 -27.20 7.21
N ARG A 214 11.89 -26.20 7.97
CA ARG A 214 11.00 -25.14 8.41
C ARG A 214 10.57 -24.30 7.22
N ILE A 215 9.26 -24.13 7.03
CA ILE A 215 8.79 -22.97 6.28
C ILE A 215 8.68 -21.84 7.29
N LYS A 216 9.41 -20.76 7.03
CA LYS A 216 9.33 -19.52 7.81
C LYS A 216 8.99 -18.39 6.85
N THR A 217 8.78 -17.20 7.41
CA THR A 217 8.63 -16.00 6.61
C THR A 217 9.87 -15.12 6.79
N LYS A 218 10.33 -14.56 5.69
CA LYS A 218 11.46 -13.63 5.69
C LYS A 218 11.02 -12.32 5.05
N LYS A 219 11.43 -11.21 5.64
CA LYS A 219 11.16 -9.92 5.00
C LYS A 219 12.00 -9.80 3.74
N ALA A 220 11.52 -8.96 2.82
CA ALA A 220 12.13 -8.86 1.49
C ALA A 220 13.60 -8.48 1.59
N TYR A 221 13.92 -7.46 2.38
CA TYR A 221 15.30 -7.02 2.51
C TYR A 221 16.19 -8.07 3.15
N GLU A 222 15.61 -9.10 3.77
CA GLU A 222 16.40 -10.18 4.33
C GLU A 222 16.77 -11.24 3.30
N LEU A 223 16.07 -11.28 2.18
CA LEU A 223 16.34 -12.28 1.16
C LEU A 223 17.69 -12.01 0.50
N LYS A 224 18.42 -13.10 0.21
CA LYS A 224 19.68 -13.04 -0.49
C LYS A 224 19.52 -13.67 -1.87
N VAL A 225 20.31 -13.17 -2.84
CA VAL A 225 20.29 -13.75 -4.17
C VAL A 225 20.72 -15.21 -4.07
N GLY A 226 19.94 -16.10 -4.69
CA GLY A 226 20.15 -17.53 -4.58
C GLY A 226 19.22 -18.22 -3.60
N GLU A 227 18.62 -17.47 -2.67
CA GLU A 227 17.67 -18.05 -1.74
C GLU A 227 16.36 -18.37 -2.46
N LYS A 228 15.72 -19.45 -2.04
CA LYS A 228 14.48 -19.93 -2.65
C LYS A 228 13.28 -19.45 -1.83
N ILE A 229 12.29 -18.90 -2.54
CA ILE A 229 11.04 -18.49 -1.93
C ILE A 229 9.91 -19.33 -2.51
N ALA A 230 8.81 -19.42 -1.77
CA ALA A 230 7.71 -20.30 -2.16
C ALA A 230 6.88 -19.67 -3.27
N THR A 231 6.61 -20.45 -4.33
CA THR A 231 5.69 -20.10 -5.38
C THR A 231 4.73 -21.25 -5.57
N PRO A 232 3.59 -21.04 -6.22
CA PRO A 232 2.76 -22.17 -6.62
C PRO A 232 3.32 -22.87 -7.85
N ARG A 233 3.36 -24.20 -7.79
CA ARG A 233 3.82 -24.97 -8.95
C ARG A 233 2.91 -24.73 -10.15
N GLU A 234 1.61 -24.66 -9.91
CA GLU A 234 0.63 -24.19 -10.88
C GLU A 234 -0.34 -23.29 -10.14
N GLU A 235 -0.91 -22.32 -10.85
CA GLU A 235 -1.94 -21.46 -10.26
C GLU A 235 -3.30 -22.16 -10.42
N ALA A 236 -3.42 -23.26 -9.67
CA ALA A 236 -4.61 -24.11 -9.61
C ALA A 236 -4.73 -24.61 -8.18
N PRO A 237 -5.92 -24.93 -7.70
CA PRO A 237 -6.07 -25.46 -6.35
C PRO A 237 -5.35 -26.81 -6.22
N GLU A 238 -4.96 -27.12 -4.99
CA GLU A 238 -4.20 -28.31 -4.60
C GLU A 238 -2.78 -28.33 -5.16
N ALA A 239 -2.35 -27.29 -5.86
CA ALA A 239 -0.98 -27.24 -6.34
C ALA A 239 -0.02 -27.12 -5.17
N GLU A 240 1.12 -27.81 -5.27
CA GLU A 240 2.11 -27.80 -4.22
C GLU A 240 3.10 -26.65 -4.44
N ILE A 241 4.09 -26.55 -3.56
CA ILE A 241 5.05 -25.46 -3.62
C ILE A 241 6.13 -25.78 -4.63
N PHE A 242 6.51 -24.78 -5.41
CA PHE A 242 7.76 -24.76 -6.16
C PHE A 242 8.67 -23.76 -5.48
N TRP A 243 9.81 -24.24 -4.99
CA TRP A 243 10.75 -23.37 -4.28
C TRP A 243 11.65 -22.70 -5.32
N ASP A 244 11.43 -21.41 -5.52
CA ASP A 244 11.93 -20.67 -6.66
C ASP A 244 13.17 -19.88 -6.24
N GLU A 245 14.29 -20.14 -6.90
CA GLU A 245 15.52 -19.40 -6.64
C GLU A 245 15.35 -17.94 -7.02
N VAL A 246 15.64 -17.05 -6.06
CA VAL A 246 15.65 -15.62 -6.34
C VAL A 246 16.96 -15.28 -7.06
N VAL A 247 16.84 -14.71 -8.25
CA VAL A 247 18.02 -14.38 -9.06
C VAL A 247 18.31 -12.90 -9.11
N GLU A 248 17.31 -12.02 -8.93
CA GLU A 248 17.54 -10.59 -8.93
C GLU A 248 16.83 -9.94 -7.76
N ILE A 249 17.55 -9.10 -7.02
CA ILE A 249 16.99 -8.27 -5.97
C ILE A 249 17.48 -6.84 -6.19
N GLU A 250 16.58 -5.96 -6.61
CA GLU A 250 16.93 -4.60 -6.99
C GLU A 250 16.29 -3.60 -6.04
N GLU A 251 17.11 -2.85 -5.31
CA GLU A 251 16.64 -1.67 -4.60
C GLU A 251 16.49 -0.52 -5.59
N TYR A 252 15.36 0.19 -5.52
CA TYR A 252 15.16 1.31 -6.44
C TYR A 252 14.28 2.37 -5.81
N LYS A 253 14.52 3.60 -6.26
CA LYS A 253 13.67 4.73 -5.89
C LYS A 253 12.39 4.70 -6.71
N PRO A 254 11.23 4.55 -6.11
CA PRO A 254 9.98 4.45 -6.87
C PRO A 254 9.36 5.80 -7.15
N ASN A 255 8.36 5.78 -8.05
CA ASN A 255 7.64 6.98 -8.43
C ASN A 255 6.13 6.79 -8.45
N ASN A 256 5.64 5.68 -7.87
CA ASN A 256 4.25 5.27 -8.06
C ASN A 256 3.27 5.95 -7.11
N SER A 257 3.76 6.59 -6.05
CA SER A 257 2.97 7.42 -5.12
C SER A 257 2.14 6.60 -4.14
N TRP A 258 1.58 5.46 -4.56
CA TRP A 258 0.80 4.61 -3.65
C TRP A 258 1.16 3.15 -3.85
N VAL A 259 1.19 2.40 -2.75
CA VAL A 259 1.36 0.96 -2.76
C VAL A 259 0.13 0.33 -2.12
N TYR A 260 -0.07 -0.95 -2.39
CA TYR A 260 -1.34 -1.60 -2.06
C TYR A 260 -1.11 -2.96 -1.43
N ASP A 261 -2.12 -3.43 -0.71
CA ASP A 261 -2.08 -4.77 -0.16
C ASP A 261 -3.50 -5.25 0.16
N LEU A 262 -3.61 -6.55 0.42
CA LEU A 262 -4.86 -7.17 0.83
C LEU A 262 -4.59 -8.00 2.09
N GLN A 263 -5.44 -7.84 3.09
CA GLN A 263 -5.35 -8.58 4.32
C GLN A 263 -6.25 -9.81 4.24
N VAL A 264 -5.67 -10.98 4.47
CA VAL A 264 -6.40 -12.24 4.41
C VAL A 264 -6.27 -12.96 5.75
N PRO A 265 -7.35 -13.06 6.50
CA PRO A 265 -7.28 -13.71 7.81
C PRO A 265 -6.91 -15.18 7.70
N GLU A 266 -6.44 -15.72 8.84
CA GLU A 266 -6.00 -17.10 8.98
C GLU A 266 -4.67 -17.36 8.25
N HIS A 267 -4.68 -17.31 6.92
CA HIS A 267 -3.53 -17.76 6.14
C HIS A 267 -2.58 -16.63 5.76
N HIS A 268 -2.99 -15.37 5.91
CA HIS A 268 -2.09 -14.21 5.87
C HIS A 268 -1.21 -14.16 4.63
N ASN A 269 -1.67 -14.73 3.52
CA ASN A 269 -0.92 -14.68 2.27
C ASN A 269 -1.88 -14.78 1.10
N PHE A 270 -1.35 -14.51 -0.10
CA PHE A 270 -2.10 -14.75 -1.33
C PHE A 270 -1.15 -14.86 -2.51
N ILE A 271 -1.64 -15.40 -3.60
CA ILE A 271 -0.86 -15.55 -4.82
C ILE A 271 -0.91 -14.24 -5.60
N ALA A 272 0.26 -13.65 -5.83
CA ALA A 272 0.40 -12.43 -6.60
C ALA A 272 1.63 -12.54 -7.48
N ASN A 273 1.44 -12.29 -8.78
CA ASN A 273 2.51 -12.37 -9.77
C ASN A 273 3.17 -13.76 -9.77
N GLY A 274 2.41 -14.79 -9.46
CA GLY A 274 2.93 -16.14 -9.40
C GLY A 274 3.73 -16.47 -8.15
N ILE A 275 3.69 -15.61 -7.13
CA ILE A 275 4.45 -15.80 -5.92
C ILE A 275 3.51 -15.78 -4.73
N PHE A 276 3.83 -16.59 -3.71
CA PHE A 276 3.10 -16.52 -2.46
C PHE A 276 3.61 -15.31 -1.67
N VAL A 277 2.83 -14.24 -1.62
CA VAL A 277 3.19 -13.07 -0.82
C VAL A 277 2.46 -13.15 0.51
N HIS A 278 3.20 -13.00 1.60
CA HIS A 278 2.66 -13.07 2.93
C HIS A 278 2.34 -11.66 3.43
N ASN A 279 1.23 -11.55 4.17
CA ASN A 279 0.77 -10.26 4.70
C ASN A 279 1.85 -9.57 5.53
#